data_8CVG
#
_entry.id   8CVG
#
_cell.length_a   44.719
_cell.length_b   79.228
_cell.length_c   55.822
_cell.angle_alpha   90.000
_cell.angle_beta   111.027
_cell.angle_gamma   90.000
#
_symmetry.space_group_name_H-M   'P 1 21 1'
#
loop_
_entity.id
_entity.type
_entity.pdbx_description
1 polymer 'Hyoscyamine 6-beta-hydroxylase'
2 non-polymer 'FE (II) ION'
3 non-polymer 1,2-ETHANEDIOL
4 non-polymer 'FORMIC ACID'
5 non-polymer '2-OXOGLUTARIC ACID'
6 non-polymer '(1R,3S,5R,6S)-6-hydroxy-8-methyl-8-azabicyclo[3.2.1]octan-3-yl (2S)-3-hydroxy-2-phenylpropanoate'
7 non-polymer 'STRONTIUM ION'
8 water water
#
_entity_poly.entity_id   1
_entity_poly.type   'polypeptide(L)'
_entity_poly.pdbx_seq_one_letter_code
;MATLVSNWSTNNVSESFVAPLEKRAENDVPLGNDVPIIDLQQDHLVVVQQITKACQDFGLFQVINHGLPEKLMAETMDVC
KEFFALPAEEKEKLQPKGEPAKFELPLEQKAKLYVEGEQLSDEAFLYWKDTLAHGCHPLDEELVNSWPEKPATYREVVAK
YSVEVRKLTMRILDYICEGLGLKLGYFDNELSQIQMMLTNYYPPCPDPSSTLGSGGHYDGNLITLLQQNLPGLQQLIEDA
KWIAVEPIPTAFVVNLGLTLKVITNEKFEGSIHRVVTNPTRDRVSIATFIGPDYSCTIEPAKELLSQDNPPLYKPYSYAE
FGEIYLSDKSDYDAGVKPYKINAGGKGPGDGPGGSGGPRGGENLYFQSGHHHHHHHHGGRGGAAA
;
_entity_poly.pdbx_strand_id   A
#
# COMPACT_ATOMS: atom_id res chain seq x y z
N VAL A 13 -3.42 27.44 -0.46
CA VAL A 13 -4.06 26.31 0.29
C VAL A 13 -4.14 26.65 1.78
N SER A 14 -5.12 26.07 2.48
CA SER A 14 -5.25 26.11 3.96
C SER A 14 -3.91 25.69 4.60
N GLU A 15 -3.50 26.37 5.67
CA GLU A 15 -2.22 26.12 6.38
C GLU A 15 -2.20 24.67 6.91
N SER A 16 -3.37 24.10 7.17
CA SER A 16 -3.59 22.69 7.60
C SER A 16 -2.82 21.70 6.70
N PHE A 17 -2.68 22.03 5.41
CA PHE A 17 -2.14 21.10 4.38
C PHE A 17 -0.69 21.45 4.01
N VAL A 18 -0.10 22.50 4.60
CA VAL A 18 1.30 22.92 4.29
C VAL A 18 2.27 21.95 4.98
N ALA A 19 3.03 21.20 4.18
CA ALA A 19 4.05 20.24 4.66
C ALA A 19 5.26 21.00 5.18
N PRO A 20 5.99 20.46 6.18
CA PRO A 20 7.26 21.03 6.61
C PRO A 20 8.22 21.18 5.42
N LEU A 21 9.03 22.24 5.42
CA LEU A 21 9.92 22.62 4.29
C LEU A 21 10.63 21.37 3.73
N GLU A 22 11.22 20.55 4.60
CA GLU A 22 12.12 19.43 4.20
C GLU A 22 11.31 18.31 3.52
N LYS A 23 10.00 18.22 3.77
CA LYS A 23 9.16 17.11 3.23
C LYS A 23 8.50 17.52 1.90
N ARG A 24 8.58 18.80 1.51
CA ARG A 24 7.98 19.29 0.24
C ARG A 24 8.70 18.65 -0.94
N ALA A 25 7.97 18.30 -1.99
CA ALA A 25 8.49 17.65 -3.22
C ALA A 25 9.10 18.73 -4.11
N GLU A 26 10.26 18.43 -4.73
CA GLU A 26 10.86 19.26 -5.82
C GLU A 26 9.96 19.12 -7.05
N ASN A 27 9.96 20.12 -7.94
CA ASN A 27 8.98 20.27 -9.04
C ASN A 27 9.30 19.34 -10.21
N ASP A 28 10.57 18.92 -10.36
CA ASP A 28 11.05 18.12 -11.51
C ASP A 28 11.75 16.85 -10.99
N VAL A 29 10.95 15.85 -10.64
CA VAL A 29 11.42 14.51 -10.19
C VAL A 29 11.54 13.61 -11.42
N PRO A 30 12.72 12.98 -11.65
CA PRO A 30 12.94 12.22 -12.86
C PRO A 30 12.19 10.88 -12.85
N LEU A 31 11.83 10.40 -14.05
CA LEU A 31 11.20 9.07 -14.24
C LEU A 31 12.20 8.00 -13.78
N GLY A 32 11.75 7.07 -12.94
CA GLY A 32 12.52 5.88 -12.54
C GLY A 32 12.61 4.89 -13.69
N ASN A 33 13.64 5.03 -14.52
CA ASN A 33 13.85 4.19 -15.74
C ASN A 33 14.24 2.77 -15.32
N ASP A 34 14.72 2.57 -14.09
CA ASP A 34 15.25 1.29 -13.59
C ASP A 34 14.21 0.59 -12.69
N VAL A 35 13.00 1.13 -12.58
CA VAL A 35 11.87 0.42 -11.89
C VAL A 35 11.59 -0.84 -12.69
N PRO A 36 11.78 -2.05 -12.12
CA PRO A 36 11.54 -3.29 -12.86
C PRO A 36 10.06 -3.42 -13.29
N ILE A 37 9.85 -3.73 -14.57
CA ILE A 37 8.54 -4.15 -15.15
C ILE A 37 8.66 -5.65 -15.45
N ILE A 38 7.96 -6.50 -14.68
CA ILE A 38 8.15 -7.97 -14.74
C ILE A 38 6.94 -8.61 -15.42
N ASP A 39 7.19 -9.27 -16.54
CA ASP A 39 6.18 -10.03 -17.34
C ASP A 39 5.96 -11.39 -16.66
N LEU A 40 4.79 -11.61 -16.06
CA LEU A 40 4.50 -12.86 -15.30
C LEU A 40 4.21 -14.02 -16.26
N GLN A 41 4.17 -13.79 -17.58
CA GLN A 41 3.97 -14.88 -18.58
C GLN A 41 5.32 -15.31 -19.18
N GLN A 42 6.44 -14.84 -18.62
CA GLN A 42 7.77 -15.43 -18.90
C GLN A 42 7.83 -16.83 -18.28
N ASP A 43 8.89 -17.59 -18.57
CA ASP A 43 9.10 -18.93 -17.98
C ASP A 43 9.15 -18.79 -16.46
N HIS A 44 8.62 -19.79 -15.73
CA HIS A 44 8.46 -19.78 -14.25
C HIS A 44 9.74 -19.30 -13.55
N LEU A 45 10.89 -19.93 -13.83
CA LEU A 45 12.14 -19.63 -13.11
C LEU A 45 12.59 -18.19 -13.41
N VAL A 46 12.39 -17.71 -14.64
CA VAL A 46 12.73 -16.31 -15.05
C VAL A 46 11.91 -15.36 -14.17
N VAL A 47 10.61 -15.63 -14.01
CA VAL A 47 9.70 -14.77 -13.17
C VAL A 47 10.22 -14.77 -11.73
N VAL A 48 10.54 -15.94 -11.18
CA VAL A 48 11.05 -16.05 -9.77
C VAL A 48 12.33 -15.22 -9.65
N GLN A 49 13.26 -15.37 -10.59
CA GLN A 49 14.58 -14.70 -10.54
C GLN A 49 14.40 -13.18 -10.65
N GLN A 50 13.57 -12.70 -11.59
CA GLN A 50 13.35 -11.26 -11.81
C GLN A 50 12.67 -10.65 -10.57
N ILE A 51 11.66 -11.32 -10.02
CA ILE A 51 10.97 -10.84 -8.80
C ILE A 51 11.99 -10.79 -7.65
N THR A 52 12.79 -11.85 -7.48
CA THR A 52 13.78 -11.95 -6.39
C THR A 52 14.73 -10.75 -6.47
N LYS A 53 15.25 -10.45 -7.66
CA LYS A 53 16.22 -9.34 -7.88
C LYS A 53 15.57 -8.00 -7.52
N ALA A 54 14.33 -7.78 -7.96
CA ALA A 54 13.56 -6.54 -7.69
C ALA A 54 13.35 -6.38 -6.19
N CYS A 55 13.01 -7.47 -5.49
CA CYS A 55 12.75 -7.48 -4.03
C CYS A 55 14.03 -7.15 -3.26
N GLN A 56 15.16 -7.70 -3.70
CA GLN A 56 16.48 -7.53 -3.04
C GLN A 56 16.97 -6.09 -3.21
N ASP A 57 16.78 -5.50 -4.39
CA ASP A 57 17.50 -4.28 -4.82
C ASP A 57 16.61 -3.03 -4.69
N PHE A 58 15.29 -3.17 -4.83
CA PHE A 58 14.36 -2.02 -5.02
C PHE A 58 13.20 -2.05 -4.01
N GLY A 59 12.51 -3.19 -3.87
CA GLY A 59 11.32 -3.33 -3.00
C GLY A 59 10.06 -2.83 -3.68
N LEU A 60 10.18 -2.29 -4.90
CA LEU A 60 9.05 -1.81 -5.73
C LEU A 60 9.29 -2.28 -7.17
N PHE A 61 8.30 -2.93 -7.76
CA PHE A 61 8.34 -3.36 -9.18
C PHE A 61 6.91 -3.36 -9.70
N GLN A 62 6.76 -3.33 -11.02
CA GLN A 62 5.43 -3.47 -11.66
C GLN A 62 5.32 -4.88 -12.21
N VAL A 63 4.10 -5.42 -12.24
CA VAL A 63 3.82 -6.72 -12.91
C VAL A 63 2.86 -6.47 -14.08
N ILE A 64 3.17 -7.09 -15.22
CA ILE A 64 2.31 -7.06 -16.44
C ILE A 64 1.99 -8.50 -16.85
N ASN A 65 1.00 -8.68 -17.71
CA ASN A 65 0.48 -10.02 -18.12
C ASN A 65 0.28 -10.85 -16.86
N HIS A 66 -0.35 -10.25 -15.84
CA HIS A 66 -0.42 -10.77 -14.45
C HIS A 66 -1.64 -11.67 -14.24
N GLY A 67 -2.48 -11.85 -15.25
CA GLY A 67 -3.62 -12.80 -15.21
C GLY A 67 -4.88 -12.19 -14.61
N LEU A 68 -4.83 -10.94 -14.12
CA LEU A 68 -6.04 -10.27 -13.59
C LEU A 68 -6.71 -9.56 -14.76
N PRO A 69 -8.01 -9.77 -15.00
CA PRO A 69 -8.65 -9.21 -16.21
C PRO A 69 -8.52 -7.69 -16.30
N GLU A 70 -8.01 -7.21 -17.44
CA GLU A 70 -7.88 -5.76 -17.76
C GLU A 70 -9.27 -5.10 -17.67
N LYS A 71 -10.33 -5.78 -18.14
CA LYS A 71 -11.70 -5.23 -18.14
C LYS A 71 -12.13 -4.96 -16.69
N LEU A 72 -11.84 -5.90 -15.78
CA LEU A 72 -12.17 -5.77 -14.33
C LEU A 72 -11.37 -4.61 -13.72
N MET A 73 -10.09 -4.45 -14.08
CA MET A 73 -9.26 -3.30 -13.60
C MET A 73 -9.95 -1.99 -13.99
N ALA A 74 -10.43 -1.89 -15.25
CA ALA A 74 -11.10 -0.69 -15.79
C ALA A 74 -12.43 -0.47 -15.06
N GLU A 75 -13.22 -1.53 -14.86
CA GLU A 75 -14.55 -1.47 -14.20
C GLU A 75 -14.37 -1.04 -12.74
N THR A 76 -13.30 -1.49 -12.08
CA THR A 76 -13.02 -1.16 -10.66
C THR A 76 -12.59 0.30 -10.56
N MET A 77 -11.70 0.77 -11.44
CA MET A 77 -11.28 2.19 -11.47
C MET A 77 -12.52 3.06 -11.74
N ASP A 78 -13.40 2.62 -12.64
CA ASP A 78 -14.65 3.36 -12.99
C ASP A 78 -15.52 3.53 -11.73
N VAL A 79 -15.77 2.44 -10.99
CA VAL A 79 -16.73 2.45 -9.85
C VAL A 79 -16.09 3.21 -8.67
N CYS A 80 -14.76 3.16 -8.53
CA CYS A 80 -14.01 3.94 -7.50
C CYS A 80 -14.09 5.43 -7.83
N LYS A 81 -13.93 5.81 -9.11
CA LYS A 81 -14.07 7.22 -9.55
C LYS A 81 -15.52 7.67 -9.34
N GLU A 82 -16.48 6.80 -9.65
CA GLU A 82 -17.93 7.11 -9.50
C GLU A 82 -18.23 7.35 -8.02
N PHE A 83 -17.65 6.55 -7.13
CA PHE A 83 -17.84 6.72 -5.66
C PHE A 83 -17.38 8.14 -5.26
N PHE A 84 -16.21 8.57 -5.71
CA PHE A 84 -15.63 9.87 -5.27
C PHE A 84 -16.35 11.04 -5.95
N ALA A 85 -17.16 10.77 -6.97
CA ALA A 85 -18.02 11.77 -7.64
C ALA A 85 -19.37 11.92 -6.91
N LEU A 86 -19.67 11.07 -5.92
CA LEU A 86 -20.96 11.11 -5.19
C LEU A 86 -21.07 12.43 -4.43
N PRO A 87 -22.30 12.93 -4.20
CA PRO A 87 -22.49 14.16 -3.45
C PRO A 87 -22.22 13.97 -1.94
N ALA A 88 -22.02 15.08 -1.23
CA ALA A 88 -21.70 15.12 0.21
C ALA A 88 -22.70 14.26 1.00
N GLU A 89 -23.99 14.35 0.70
CA GLU A 89 -25.05 13.67 1.50
C GLU A 89 -24.80 12.16 1.50
N GLU A 90 -24.22 11.62 0.42
CA GLU A 90 -23.94 10.16 0.34
C GLU A 90 -22.62 9.86 1.07
N LYS A 91 -21.59 10.69 0.89
CA LYS A 91 -20.27 10.47 1.52
C LYS A 91 -20.37 10.58 3.05
N GLU A 92 -21.31 11.39 3.57
CA GLU A 92 -21.50 11.54 5.04
C GLU A 92 -21.81 10.19 5.68
N LYS A 93 -22.43 9.28 4.93
CA LYS A 93 -22.85 7.95 5.46
C LYS A 93 -21.62 7.12 5.85
N LEU A 94 -20.43 7.51 5.38
CA LEU A 94 -19.16 6.80 5.68
C LEU A 94 -18.25 7.65 6.58
N GLN A 95 -18.79 8.71 7.19
CA GLN A 95 -18.06 9.60 8.13
C GLN A 95 -18.62 9.40 9.54
N PRO A 96 -17.98 8.57 10.39
CA PRO A 96 -18.47 8.33 11.74
C PRO A 96 -18.55 9.63 12.55
N LYS A 97 -19.71 9.88 13.17
CA LYS A 97 -19.97 11.07 14.02
C LYS A 97 -19.69 12.35 13.23
N GLY A 98 -19.89 12.31 11.91
CA GLY A 98 -19.93 13.50 11.05
C GLY A 98 -18.56 13.87 10.46
N GLU A 99 -17.50 13.11 10.72
CA GLU A 99 -16.15 13.44 10.16
C GLU A 99 -15.46 12.15 9.72
N PRO A 100 -14.46 12.25 8.79
CA PRO A 100 -13.70 11.07 8.39
C PRO A 100 -13.03 10.40 9.59
N ALA A 101 -12.87 9.08 9.51
CA ALA A 101 -12.16 8.26 10.50
C ALA A 101 -10.66 8.54 10.39
N LYS A 102 -9.89 8.11 11.39
CA LYS A 102 -8.42 8.23 11.41
C LYS A 102 -7.83 6.83 11.27
N PHE A 103 -6.65 6.74 10.64
CA PHE A 103 -5.83 5.51 10.61
C PHE A 103 -5.22 5.34 11.99
N GLU A 104 -5.92 4.58 12.83
CA GLU A 104 -5.53 4.24 14.23
C GLU A 104 -6.19 2.91 14.57
N LEU A 105 -5.63 2.17 15.52
CA LEU A 105 -6.20 0.88 15.97
C LEU A 105 -7.28 1.16 17.01
N PRO A 106 -8.42 0.44 17.00
CA PRO A 106 -8.67 -0.64 16.04
C PRO A 106 -9.03 -0.10 14.64
N LEU A 107 -8.38 -0.65 13.60
CA LEU A 107 -8.71 -0.34 12.18
C LEU A 107 -9.80 -1.32 11.74
N GLU A 108 -11.06 -0.86 11.75
CA GLU A 108 -12.24 -1.70 11.48
C GLU A 108 -12.32 -2.03 9.99
N GLN A 109 -13.00 -3.12 9.65
CA GLN A 109 -13.06 -3.62 8.24
C GLN A 109 -14.31 -3.07 7.53
N LYS A 110 -15.27 -2.49 8.27
CA LYS A 110 -16.42 -1.81 7.65
C LYS A 110 -15.90 -0.61 6.85
N ALA A 111 -16.58 -0.24 5.77
CA ALA A 111 -16.19 0.90 4.91
C ALA A 111 -16.31 2.21 5.70
N LYS A 112 -15.25 3.02 5.65
CA LYS A 112 -15.25 4.41 6.16
C LYS A 112 -14.42 5.28 5.22
N LEU A 113 -14.70 6.58 5.19
CA LEU A 113 -13.79 7.59 4.63
C LEU A 113 -12.82 8.04 5.72
N TYR A 114 -11.55 8.19 5.35
CA TYR A 114 -10.42 8.49 6.27
C TYR A 114 -9.73 9.78 5.84
N VAL A 115 -9.31 10.54 6.84
CA VAL A 115 -8.37 11.69 6.73
C VAL A 115 -7.03 11.22 7.28
N GLU A 116 -5.92 11.82 6.85
CA GLU A 116 -4.58 11.39 7.30
C GLU A 116 -3.62 12.56 7.26
N GLY A 117 -2.67 12.56 8.18
CA GLY A 117 -1.57 13.54 8.25
C GLY A 117 -0.48 13.05 9.17
N GLU A 118 0.37 13.96 9.63
CA GLU A 118 1.49 13.66 10.56
C GLU A 118 1.41 14.63 11.74
N GLN A 119 1.59 14.12 12.95
CA GLN A 119 1.80 14.92 14.19
C GLN A 119 3.28 14.76 14.59
N LEU A 120 4.08 15.81 14.36
CA LEU A 120 5.57 15.79 14.53
C LEU A 120 5.97 16.67 15.71
N GLU A 123 5.25 20.25 14.37
CA GLU A 123 4.65 20.56 13.05
C GLU A 123 3.63 19.47 12.67
N ALA A 124 2.34 19.80 12.72
CA ALA A 124 1.24 18.92 12.29
C ALA A 124 0.68 19.43 10.95
N PHE A 125 0.48 18.53 9.98
CA PHE A 125 -0.14 18.87 8.67
C PHE A 125 -0.96 17.68 8.18
N LEU A 126 -1.89 17.95 7.26
CA LEU A 126 -2.77 16.92 6.66
C LEU A 126 -2.30 16.61 5.25
N TYR A 127 -2.43 15.35 4.84
CA TYR A 127 -2.22 14.89 3.45
C TYR A 127 -3.41 15.36 2.60
N TRP A 128 -3.11 15.79 1.36
CA TRP A 128 -4.12 16.26 0.38
C TRP A 128 -4.76 15.04 -0.27
N LYS A 129 -5.64 14.36 0.48
CA LYS A 129 -6.10 12.99 0.16
C LYS A 129 -7.39 12.67 0.93
N ASP A 130 -8.36 12.08 0.24
CA ASP A 130 -9.50 11.36 0.86
C ASP A 130 -9.31 9.88 0.55
N THR A 131 -9.42 9.01 1.55
CA THR A 131 -9.24 7.55 1.36
C THR A 131 -10.50 6.83 1.81
N LEU A 132 -11.10 6.05 0.91
CA LEU A 132 -12.12 5.04 1.27
C LEU A 132 -11.36 3.75 1.61
N ALA A 133 -11.63 3.16 2.77
CA ALA A 133 -10.99 1.88 3.15
C ALA A 133 -12.03 0.92 3.71
N HIS A 134 -11.87 -0.35 3.37
CA HIS A 134 -12.66 -1.47 3.94
C HIS A 134 -11.88 -2.76 3.82
N GLY A 135 -12.20 -3.72 4.68
CA GLY A 135 -11.69 -5.10 4.59
C GLY A 135 -12.28 -5.83 3.39
N CYS A 136 -11.59 -6.86 2.91
CA CYS A 136 -11.99 -7.66 1.72
C CYS A 136 -11.88 -9.17 1.96
N HIS A 137 -11.38 -9.63 3.11
CA HIS A 137 -11.04 -11.07 3.29
C HIS A 137 -11.26 -11.51 4.74
N PRO A 138 -12.00 -12.61 4.99
CA PRO A 138 -12.76 -13.31 3.95
C PRO A 138 -14.00 -12.51 3.53
N LEU A 139 -14.44 -12.70 2.27
CA LEU A 139 -15.71 -12.12 1.74
C LEU A 139 -16.88 -12.88 2.35
N ASP A 140 -17.73 -12.19 3.11
CA ASP A 140 -19.03 -12.73 3.60
C ASP A 140 -20.06 -11.60 3.55
N GLU A 141 -21.34 -11.95 3.72
CA GLU A 141 -22.49 -11.02 3.55
C GLU A 141 -22.34 -9.82 4.50
N GLU A 142 -21.92 -10.07 5.75
CA GLU A 142 -21.78 -9.03 6.80
C GLU A 142 -20.76 -7.98 6.34
N LEU A 143 -19.61 -8.42 5.81
CA LEU A 143 -18.53 -7.51 5.37
C LEU A 143 -19.00 -6.69 4.17
N VAL A 144 -19.55 -7.33 3.14
CA VAL A 144 -19.97 -6.66 1.87
C VAL A 144 -21.14 -5.72 2.18
N ASN A 145 -22.00 -6.07 3.14
CA ASN A 145 -23.15 -5.22 3.58
C ASN A 145 -22.63 -3.94 4.26
N SER A 146 -21.36 -3.93 4.71
CA SER A 146 -20.71 -2.77 5.38
C SER A 146 -19.96 -1.91 4.36
N TRP A 147 -19.96 -2.31 3.08
CA TRP A 147 -19.32 -1.56 1.97
C TRP A 147 -20.23 -0.44 1.49
N PRO A 148 -19.74 0.50 0.64
CA PRO A 148 -20.59 1.55 0.09
C PRO A 148 -21.86 1.00 -0.58
N GLU A 149 -22.99 1.68 -0.34
CA GLU A 149 -24.30 1.36 -0.98
C GLU A 149 -24.32 1.91 -2.41
N LYS A 150 -23.60 3.01 -2.63
CA LYS A 150 -23.50 3.67 -3.96
C LYS A 150 -22.03 3.77 -4.36
N PRO A 151 -21.70 3.70 -5.67
CA PRO A 151 -22.68 3.37 -6.72
C PRO A 151 -23.21 1.94 -6.60
N ALA A 152 -24.35 1.67 -7.23
CA ALA A 152 -25.11 0.39 -7.09
C ALA A 152 -24.20 -0.81 -7.39
N THR A 153 -23.27 -0.67 -8.34
CA THR A 153 -22.41 -1.78 -8.84
C THR A 153 -21.11 -1.89 -8.03
N TYR A 154 -20.85 -1.00 -7.08
CA TYR A 154 -19.58 -1.01 -6.30
C TYR A 154 -19.35 -2.41 -5.72
N ARG A 155 -20.33 -2.95 -5.01
CA ARG A 155 -20.15 -4.21 -4.24
C ARG A 155 -19.86 -5.38 -5.20
N GLU A 156 -20.62 -5.51 -6.28
CA GLU A 156 -20.46 -6.61 -7.27
C GLU A 156 -19.05 -6.56 -7.86
N VAL A 157 -18.64 -5.38 -8.35
CA VAL A 157 -17.35 -5.19 -9.06
C VAL A 157 -16.21 -5.41 -8.07
N VAL A 158 -16.27 -4.76 -6.90
CA VAL A 158 -15.13 -4.74 -5.94
C VAL A 158 -14.99 -6.12 -5.27
N ALA A 159 -16.08 -6.88 -5.10
CA ALA A 159 -16.02 -8.27 -4.60
C ALA A 159 -15.16 -9.10 -5.57
N LYS A 160 -15.44 -9.00 -6.88
CA LYS A 160 -14.70 -9.73 -7.94
C LYS A 160 -13.24 -9.27 -7.95
N TYR A 161 -13.02 -7.95 -7.89
CA TYR A 161 -11.67 -7.34 -7.88
C TYR A 161 -10.86 -7.86 -6.68
N SER A 162 -11.46 -7.84 -5.49
CA SER A 162 -10.85 -8.28 -4.21
C SER A 162 -10.30 -9.70 -4.36
N VAL A 163 -11.13 -10.61 -4.85
CA VAL A 163 -10.76 -12.05 -5.03
C VAL A 163 -9.59 -12.13 -6.03
N GLU A 164 -9.69 -11.42 -7.16
CA GLU A 164 -8.66 -11.48 -8.24
C GLU A 164 -7.35 -10.87 -7.73
N VAL A 165 -7.38 -9.72 -7.06
CA VAL A 165 -6.13 -9.08 -6.56
C VAL A 165 -5.49 -9.99 -5.51
N ARG A 166 -6.30 -10.64 -4.67
CA ARG A 166 -5.76 -11.57 -3.64
C ARG A 166 -5.07 -12.74 -4.35
N LYS A 167 -5.72 -13.31 -5.37
CA LYS A 167 -5.18 -14.44 -6.16
C LYS A 167 -3.79 -14.05 -6.69
N LEU A 168 -3.68 -12.87 -7.29
CA LEU A 168 -2.40 -12.39 -7.89
C LEU A 168 -1.37 -12.16 -6.78
N THR A 169 -1.77 -11.57 -5.65
CA THR A 169 -0.87 -11.30 -4.51
C THR A 169 -0.30 -12.64 -4.01
N MET A 170 -1.14 -13.66 -3.87
CA MET A 170 -0.70 -14.98 -3.34
C MET A 170 0.25 -15.65 -4.35
N ARG A 171 0.02 -15.48 -5.66
CA ARG A 171 0.97 -15.97 -6.70
C ARG A 171 2.32 -15.29 -6.48
N ILE A 172 2.32 -13.97 -6.29
CA ILE A 172 3.58 -13.18 -6.12
C ILE A 172 4.26 -13.61 -4.82
N LEU A 173 3.52 -13.84 -3.75
CA LEU A 173 4.12 -14.27 -2.45
C LEU A 173 4.78 -15.65 -2.63
N ASP A 174 4.24 -16.52 -3.48
CA ASP A 174 4.82 -17.87 -3.72
C ASP A 174 6.06 -17.76 -4.60
N TYR A 175 6.09 -16.84 -5.56
CA TYR A 175 7.35 -16.52 -6.30
C TYR A 175 8.41 -16.08 -5.29
N ILE A 176 8.02 -15.23 -4.34
CA ILE A 176 8.91 -14.68 -3.27
C ILE A 176 9.42 -15.86 -2.41
N CYS A 177 8.56 -16.81 -2.06
CA CYS A 177 8.93 -18.01 -1.27
C CYS A 177 10.04 -18.77 -1.99
N GLU A 178 9.85 -19.06 -3.28
CA GLU A 178 10.86 -19.81 -4.10
C GLU A 178 12.17 -19.03 -4.10
N GLY A 179 12.13 -17.71 -4.28
CA GLY A 179 13.32 -16.84 -4.29
C GLY A 179 14.09 -16.89 -2.98
N LEU A 180 13.38 -17.00 -1.85
CA LEU A 180 13.97 -16.96 -0.48
C LEU A 180 14.40 -18.35 -0.03
N GLY A 181 13.82 -19.40 -0.62
CA GLY A 181 14.01 -20.80 -0.18
C GLY A 181 13.08 -21.17 0.97
N LEU A 182 11.95 -20.47 1.09
CA LEU A 182 10.84 -20.83 2.00
C LEU A 182 9.90 -21.77 1.28
N LYS A 183 9.24 -22.68 2.01
CA LYS A 183 8.21 -23.60 1.47
C LYS A 183 7.11 -22.75 0.81
N LEU A 184 6.55 -23.22 -0.31
CA LEU A 184 5.36 -22.58 -0.94
C LEU A 184 4.26 -22.49 0.12
N GLY A 185 3.50 -21.39 0.12
CA GLY A 185 2.38 -21.16 1.04
C GLY A 185 2.82 -20.63 2.40
N TYR A 186 4.09 -20.21 2.54
CA TYR A 186 4.65 -19.69 3.81
C TYR A 186 3.79 -18.53 4.34
N PHE A 187 3.23 -17.72 3.43
CA PHE A 187 2.47 -16.49 3.78
C PHE A 187 0.96 -16.73 3.65
N ASP A 188 0.54 -17.95 3.29
CA ASP A 188 -0.89 -18.30 3.05
C ASP A 188 -1.50 -18.73 4.40
N ASN A 189 -1.58 -17.79 5.34
CA ASN A 189 -1.93 -18.05 6.76
C ASN A 189 -2.24 -16.70 7.41
N GLU A 190 -2.07 -16.60 8.73
CA GLU A 190 -2.36 -15.38 9.52
C GLU A 190 -1.54 -14.18 9.00
N LEU A 191 -0.41 -14.43 8.31
CA LEU A 191 0.48 -13.35 7.79
C LEU A 191 -0.16 -12.58 6.62
N SER A 192 -1.22 -13.12 6.01
CA SER A 192 -1.93 -12.48 4.87
C SER A 192 -3.44 -12.39 5.13
N GLN A 193 -3.87 -12.51 6.39
CA GLN A 193 -5.31 -12.69 6.73
C GLN A 193 -6.08 -11.39 6.48
N ILE A 194 -5.46 -10.22 6.68
CA ILE A 194 -6.14 -8.91 6.50
C ILE A 194 -5.88 -8.39 5.09
N GLN A 195 -6.95 -8.03 4.39
CA GLN A 195 -6.92 -7.39 3.05
C GLN A 195 -7.72 -6.09 3.13
N MET A 196 -7.02 -4.97 3.29
CA MET A 196 -7.65 -3.62 3.29
C MET A 196 -7.52 -3.06 1.89
N MET A 197 -8.64 -2.67 1.29
CA MET A 197 -8.63 -1.94 -0.01
C MET A 197 -8.76 -0.46 0.30
N LEU A 198 -7.71 0.29 0.01
CA LEU A 198 -7.65 1.77 0.18
C LEU A 198 -7.80 2.39 -1.20
N THR A 199 -8.95 3.01 -1.46
CA THR A 199 -9.19 3.82 -2.68
C THR A 199 -8.85 5.26 -2.33
N ASN A 200 -7.78 5.78 -2.93
CA ASN A 200 -7.22 7.12 -2.64
C ASN A 200 -7.72 8.11 -3.68
N TYR A 201 -8.27 9.22 -3.22
CA TYR A 201 -8.71 10.35 -4.08
C TYR A 201 -7.85 11.57 -3.76
N TYR A 202 -7.14 12.07 -4.77
CA TYR A 202 -6.30 13.28 -4.73
C TYR A 202 -6.97 14.34 -5.59
N PRO A 203 -7.74 15.29 -4.99
CA PRO A 203 -8.34 16.37 -5.75
C PRO A 203 -7.23 17.30 -6.24
N PRO A 204 -7.52 18.15 -7.25
CA PRO A 204 -6.55 19.14 -7.70
C PRO A 204 -6.18 20.04 -6.52
N CYS A 205 -4.91 20.48 -6.49
CA CYS A 205 -4.33 21.29 -5.40
C CYS A 205 -3.78 22.60 -5.97
N PRO A 206 -4.29 23.77 -5.50
CA PRO A 206 -3.78 25.07 -5.95
C PRO A 206 -2.28 25.30 -5.80
N ASP A 207 -1.63 24.68 -4.80
CA ASP A 207 -0.18 24.86 -4.53
C ASP A 207 0.47 23.49 -4.30
N PRO A 208 0.83 22.75 -5.38
CA PRO A 208 1.54 21.48 -5.24
C PRO A 208 2.94 21.59 -4.61
N SER A 209 3.55 22.77 -4.63
CA SER A 209 4.92 23.01 -4.09
C SER A 209 4.93 22.89 -2.56
N SER A 210 3.78 23.02 -1.90
CA SER A 210 3.67 23.12 -0.42
C SER A 210 3.01 21.88 0.21
N THR A 211 2.39 21.00 -0.60
CA THR A 211 1.49 19.94 -0.12
C THR A 211 2.03 18.56 -0.51
N LEU A 212 1.50 17.51 0.12
CA LEU A 212 1.75 16.10 -0.30
C LEU A 212 0.41 15.37 -0.34
N GLY A 213 0.17 14.61 -1.42
CA GLY A 213 -0.96 13.67 -1.49
C GLY A 213 -0.83 12.60 -0.43
N SER A 214 0.40 12.11 -0.25
CA SER A 214 0.75 11.04 0.72
C SER A 214 2.20 11.27 1.14
N GLY A 215 2.44 11.49 2.44
CA GLY A 215 3.79 11.62 3.00
C GLY A 215 4.61 10.37 2.75
N GLY A 216 5.93 10.51 2.63
CA GLY A 216 6.85 9.38 2.45
C GLY A 216 6.60 8.31 3.50
N HIS A 217 6.48 7.06 3.09
CA HIS A 217 6.19 5.93 4.01
C HIS A 217 6.60 4.60 3.38
N TYR A 218 6.93 3.63 4.22
CA TYR A 218 6.72 2.19 3.93
C TYR A 218 5.24 1.90 4.13
N ASP A 219 4.68 1.00 3.34
CA ASP A 219 3.45 0.27 3.73
C ASP A 219 3.85 -0.65 4.89
N GLY A 220 3.16 -0.57 6.03
CA GLY A 220 3.57 -1.27 7.27
C GLY A 220 3.28 -2.76 7.21
N ASN A 221 2.39 -3.16 6.29
CA ASN A 221 1.88 -4.54 6.13
C ASN A 221 2.88 -5.43 5.39
N LEU A 222 2.43 -6.55 4.84
CA LEU A 222 3.33 -7.55 4.19
C LEU A 222 3.63 -7.10 2.76
N ILE A 223 2.59 -6.88 1.97
CA ILE A 223 2.71 -6.56 0.52
C ILE A 223 1.46 -5.79 0.09
N THR A 224 1.65 -4.81 -0.79
CA THR A 224 0.56 -3.98 -1.33
C THR A 224 0.63 -4.03 -2.86
N LEU A 225 -0.51 -4.24 -3.51
CA LEU A 225 -0.65 -4.08 -4.97
C LEU A 225 -1.41 -2.78 -5.24
N LEU A 226 -0.85 -1.91 -6.08
CA LEU A 226 -1.34 -0.53 -6.30
C LEU A 226 -1.71 -0.41 -7.78
N GLN A 227 -2.95 -0.04 -8.07
CA GLN A 227 -3.43 0.25 -9.44
C GLN A 227 -3.50 1.76 -9.61
N GLN A 228 -2.83 2.31 -10.62
CA GLN A 228 -2.84 3.76 -10.94
C GLN A 228 -2.94 3.94 -12.46
N ASN A 229 -3.50 5.06 -12.89
CA ASN A 229 -3.55 5.42 -14.34
C ASN A 229 -3.00 6.82 -14.59
N LEU A 230 -2.54 7.54 -13.55
CA LEU A 230 -2.02 8.92 -13.69
C LEU A 230 -0.76 9.08 -12.84
N PRO A 231 0.16 9.99 -13.24
CA PRO A 231 1.37 10.25 -12.46
C PRO A 231 1.08 10.84 -11.07
N GLY A 232 2.06 10.74 -10.18
CA GLY A 232 1.99 11.28 -8.81
C GLY A 232 2.73 10.39 -7.83
N LEU A 233 2.88 9.09 -8.12
CA LEU A 233 3.60 8.15 -7.23
C LEU A 233 5.10 8.33 -7.42
N GLN A 234 5.83 8.48 -6.32
CA GLN A 234 7.31 8.65 -6.32
C GLN A 234 7.92 7.72 -5.28
N GLN A 235 9.11 7.20 -5.59
CA GLN A 235 9.83 6.24 -4.72
C GLN A 235 11.14 6.87 -4.27
N LEU A 236 11.53 6.62 -3.02
CA LEU A 236 12.84 7.04 -2.46
C LEU A 236 13.88 5.97 -2.75
N ILE A 237 14.96 6.32 -3.45
CA ILE A 237 16.08 5.40 -3.82
C ILE A 237 17.28 5.70 -2.91
N ASP A 239 20.46 8.06 -2.05
CA ASP A 239 21.08 9.31 -1.52
C ASP A 239 20.01 10.40 -1.38
N ALA A 240 18.89 10.07 -0.72
CA ALA A 240 17.69 10.94 -0.57
C ALA A 240 17.18 11.38 -1.94
N LYS A 241 17.28 10.49 -2.95
CA LYS A 241 16.82 10.73 -4.35
C LYS A 241 15.41 10.16 -4.52
N TRP A 242 14.47 10.98 -4.96
CA TRP A 242 13.10 10.54 -5.35
C TRP A 242 13.05 10.34 -6.86
N ILE A 243 12.36 9.29 -7.30
CA ILE A 243 12.07 9.00 -8.74
C ILE A 243 10.56 8.86 -8.92
N ALA A 244 10.08 9.13 -10.13
CA ALA A 244 8.65 9.01 -10.50
C ALA A 244 8.41 7.59 -11.00
N VAL A 245 7.36 6.94 -10.49
CA VAL A 245 6.95 5.57 -10.92
C VAL A 245 5.95 5.73 -12.08
N GLU A 246 6.38 5.37 -13.29
CA GLU A 246 5.57 5.45 -14.54
C GLU A 246 4.21 4.82 -14.29
N PRO A 247 3.09 5.53 -14.52
CA PRO A 247 1.78 4.90 -14.49
C PRO A 247 1.54 4.02 -15.73
N ILE A 248 1.30 2.73 -15.50
CA ILE A 248 0.87 1.74 -16.52
C ILE A 248 -0.52 1.29 -16.11
N PRO A 249 -1.59 1.82 -16.74
CA PRO A 249 -2.96 1.56 -16.28
C PRO A 249 -3.35 0.08 -16.14
N THR A 250 -2.73 -0.82 -16.90
CA THR A 250 -3.07 -2.27 -16.90
C THR A 250 -2.09 -3.08 -16.03
N ALA A 251 -1.14 -2.41 -15.38
CA ALA A 251 -0.14 -3.05 -14.48
C ALA A 251 -0.57 -2.90 -13.02
N PHE A 252 0.01 -3.71 -12.15
CA PHE A 252 0.02 -3.45 -10.69
C PHE A 252 1.43 -3.07 -10.27
N VAL A 253 1.54 -2.01 -9.47
CA VAL A 253 2.78 -1.68 -8.74
C VAL A 253 2.79 -2.56 -7.49
N VAL A 254 3.83 -3.38 -7.33
CA VAL A 254 4.01 -4.22 -6.12
C VAL A 254 4.94 -3.48 -5.15
N ASN A 255 4.45 -3.19 -3.94
CA ASN A 255 5.22 -2.54 -2.85
C ASN A 255 5.45 -3.56 -1.75
N LEU A 256 6.70 -3.91 -1.47
CA LEU A 256 7.03 -4.79 -0.33
C LEU A 256 6.88 -3.96 0.95
N GLY A 257 6.20 -4.52 1.94
CA GLY A 257 5.89 -3.82 3.20
C GLY A 257 6.99 -3.99 4.22
N LEU A 258 6.94 -3.15 5.26
CA LEU A 258 7.93 -3.18 6.36
C LEU A 258 7.88 -4.56 7.05
N THR A 259 6.72 -5.21 7.09
CA THR A 259 6.57 -6.57 7.69
C THR A 259 7.40 -7.58 6.89
N LEU A 260 7.41 -7.50 5.56
CA LEU A 260 8.20 -8.46 4.73
C LEU A 260 9.68 -8.15 4.88
N LYS A 261 10.07 -6.88 4.98
CA LYS A 261 11.47 -6.50 5.25
C LYS A 261 11.94 -7.22 6.52
N VAL A 262 11.13 -7.22 7.58
CA VAL A 262 11.49 -7.86 8.88
C VAL A 262 11.56 -9.37 8.70
N ILE A 263 10.53 -9.99 8.11
CA ILE A 263 10.44 -11.47 7.98
C ILE A 263 11.61 -11.99 7.14
N THR A 264 12.06 -11.23 6.12
CA THR A 264 13.20 -11.63 5.25
C THR A 264 14.54 -11.24 5.90
N ASN A 265 14.52 -10.66 7.10
CA ASN A 265 15.74 -10.22 7.83
C ASN A 265 16.53 -9.23 6.97
N GLU A 266 15.80 -8.37 6.24
CA GLU A 266 16.33 -7.29 5.36
C GLU A 266 17.04 -7.87 4.13
N LYS A 267 16.84 -9.15 3.79
CA LYS A 267 17.29 -9.71 2.48
C LYS A 267 16.54 -8.98 1.37
N PHE A 268 15.28 -8.60 1.63
CA PHE A 268 14.43 -7.81 0.72
C PHE A 268 14.30 -6.38 1.27
N GLU A 269 14.22 -5.40 0.37
CA GLU A 269 13.96 -3.97 0.72
C GLU A 269 12.45 -3.77 0.84
N GLY A 270 12.03 -2.90 1.75
CA GLY A 270 10.67 -2.31 1.72
C GLY A 270 10.64 -1.13 0.76
N SER A 271 9.49 -0.88 0.13
CA SER A 271 9.25 0.29 -0.74
C SER A 271 8.96 1.52 0.12
N ILE A 272 9.80 2.56 0.04
CA ILE A 272 9.48 3.90 0.62
C ILE A 272 8.99 4.77 -0.53
N HIS A 273 7.78 5.30 -0.43
CA HIS A 273 7.13 6.04 -1.53
C HIS A 273 6.25 7.17 -0.97
N ARG A 274 5.90 8.11 -1.85
CA ARG A 274 5.04 9.27 -1.54
C ARG A 274 4.18 9.57 -2.77
N VAL A 275 3.19 10.43 -2.60
CA VAL A 275 2.33 10.91 -3.71
C VAL A 275 2.33 12.43 -3.68
N VAL A 276 2.61 13.03 -4.83
CA VAL A 276 2.57 14.52 -5.01
C VAL A 276 1.22 14.90 -5.59
N THR A 277 0.79 16.14 -5.34
CA THR A 277 -0.50 16.69 -5.82
C THR A 277 -0.29 17.27 -7.23
N ASN A 278 -1.40 17.54 -7.91
CA ASN A 278 -1.43 18.10 -9.28
C ASN A 278 -2.36 19.31 -9.26
N PRO A 279 -2.01 20.43 -9.93
CA PRO A 279 -2.85 21.62 -9.87
C PRO A 279 -4.10 21.57 -10.76
N THR A 280 -4.13 20.69 -11.76
CA THR A 280 -5.12 20.72 -12.88
C THR A 280 -6.11 19.55 -12.82
N ARG A 281 -5.67 18.34 -12.42
CA ARG A 281 -6.50 17.10 -12.54
C ARG A 281 -6.57 16.37 -11.21
N ASP A 282 -7.69 15.69 -10.97
CA ASP A 282 -7.83 14.75 -9.82
C ASP A 282 -7.19 13.42 -10.22
N ARG A 283 -7.00 12.55 -9.24
CA ARG A 283 -6.33 11.23 -9.42
C ARG A 283 -6.95 10.25 -8.43
N VAL A 284 -7.25 9.04 -8.90
CA VAL A 284 -7.70 7.92 -8.04
C VAL A 284 -6.67 6.80 -8.15
N SER A 285 -6.24 6.24 -7.03
CA SER A 285 -5.41 5.02 -6.99
C SER A 285 -6.11 4.00 -6.09
N ILE A 286 -5.85 2.72 -6.36
CA ILE A 286 -6.45 1.59 -5.61
C ILE A 286 -5.31 0.76 -5.04
N ALA A 287 -5.17 0.77 -3.72
CA ALA A 287 -4.10 0.05 -2.99
C ALA A 287 -4.72 -1.12 -2.25
N THR A 288 -4.34 -2.35 -2.60
CA THR A 288 -4.75 -3.58 -1.85
C THR A 288 -3.65 -3.91 -0.87
N PHE A 289 -3.91 -3.64 0.41
CA PHE A 289 -2.99 -3.85 1.56
C PHE A 289 -3.23 -5.25 2.10
N ILE A 290 -2.31 -6.18 1.85
CA ILE A 290 -2.43 -7.54 2.43
C ILE A 290 -1.38 -7.69 3.52
N GLY A 291 -1.77 -8.28 4.65
CA GLY A 291 -0.84 -8.42 5.78
C GLY A 291 -1.45 -9.15 6.96
N PRO A 292 -0.67 -9.23 8.05
CA PRO A 292 -1.05 -10.01 9.21
C PRO A 292 -2.33 -9.51 9.89
N ASP A 293 -2.99 -10.43 10.59
CA ASP A 293 -3.97 -10.09 11.65
C ASP A 293 -3.23 -9.33 12.75
N TYR A 294 -3.93 -8.46 13.47
CA TYR A 294 -3.37 -7.60 14.54
C TYR A 294 -2.88 -8.46 15.71
N SER A 295 -3.34 -9.72 15.80
CA SER A 295 -2.94 -10.69 16.85
C SER A 295 -1.60 -11.37 16.54
N CYS A 296 -1.04 -11.16 15.35
CA CYS A 296 0.18 -11.88 14.88
C CYS A 296 1.42 -11.42 15.64
N THR A 297 2.38 -12.33 15.80
CA THR A 297 3.77 -12.04 16.24
C THR A 297 4.65 -12.02 14.98
N ILE A 298 5.41 -10.94 14.77
CA ILE A 298 6.30 -10.76 13.59
C ILE A 298 7.73 -11.01 14.04
N GLU A 299 8.47 -11.82 13.30
CA GLU A 299 9.93 -12.02 13.51
C GLU A 299 10.58 -12.47 12.20
N PRO A 300 11.91 -12.32 12.07
CA PRO A 300 12.65 -12.91 10.96
C PRO A 300 12.35 -14.41 10.86
N ALA A 301 12.05 -14.90 9.66
CA ALA A 301 11.81 -16.32 9.35
C ALA A 301 13.00 -17.14 9.88
N LYS A 302 12.75 -18.02 10.86
CA LYS A 302 13.80 -18.81 11.55
C LYS A 302 14.52 -19.70 10.53
N GLU A 303 13.80 -20.13 9.49
CA GLU A 303 14.30 -21.02 8.40
C GLU A 303 15.51 -20.39 7.71
N LEU A 304 15.60 -19.05 7.66
CA LEU A 304 16.63 -18.30 6.91
C LEU A 304 17.78 -17.85 7.81
N LEU A 305 17.63 -17.96 9.14
CA LEU A 305 18.62 -17.43 10.12
C LEU A 305 19.77 -18.42 10.30
N SER A 306 20.96 -17.90 10.59
CA SER A 306 22.19 -18.66 10.92
C SER A 306 23.16 -17.73 11.65
N GLN A 307 24.35 -18.22 12.03
CA GLN A 307 25.41 -17.37 12.65
C GLN A 307 25.90 -16.35 11.62
N ASP A 308 25.85 -16.69 10.33
CA ASP A 308 26.21 -15.78 9.21
C ASP A 308 25.09 -14.77 8.95
N ASN A 309 23.84 -15.16 9.21
CA ASN A 309 22.62 -14.32 9.01
C ASN A 309 21.85 -14.23 10.32
N PRO A 310 22.39 -13.53 11.36
CA PRO A 310 21.71 -13.43 12.65
C PRO A 310 20.48 -12.52 12.55
N PRO A 311 19.44 -12.73 13.39
CA PRO A 311 18.23 -11.92 13.32
C PRO A 311 18.54 -10.45 13.63
N LEU A 312 17.98 -9.54 12.82
CA LEU A 312 18.16 -8.06 12.98
C LEU A 312 16.97 -7.47 13.73
N TYR A 313 15.94 -8.27 14.00
CA TYR A 313 14.74 -7.88 14.80
C TYR A 313 14.39 -8.99 15.79
N LYS A 314 14.02 -8.59 17.01
CA LYS A 314 13.40 -9.49 18.02
C LYS A 314 11.92 -9.63 17.68
N PRO A 315 11.26 -10.74 18.09
CA PRO A 315 9.83 -10.90 17.84
C PRO A 315 9.02 -9.76 18.48
N TYR A 316 7.97 -9.31 17.80
CA TYR A 316 7.12 -8.19 18.30
C TYR A 316 5.66 -8.42 17.90
N SER A 317 4.77 -7.83 18.70
CA SER A 317 3.30 -7.76 18.47
C SER A 317 3.04 -6.87 17.26
N TYR A 318 2.31 -7.38 16.27
CA TYR A 318 1.89 -6.59 15.08
C TYR A 318 1.01 -5.42 15.54
N ALA A 319 0.17 -5.62 16.57
CA ALA A 319 -0.70 -4.57 17.13
C ALA A 319 0.14 -3.44 17.73
N GLU A 320 1.19 -3.79 18.48
CA GLU A 320 2.11 -2.83 19.13
C GLU A 320 2.83 -2.04 18.04
N PHE A 321 3.39 -2.75 17.05
CA PHE A 321 4.01 -2.16 15.84
C PHE A 321 3.01 -1.20 15.17
N GLY A 322 1.77 -1.66 14.96
CA GLY A 322 0.73 -0.90 14.26
C GLY A 322 0.49 0.46 14.88
N GLU A 323 0.40 0.51 16.22
CA GLU A 323 0.12 1.75 16.99
C GLU A 323 1.26 2.76 16.72
N ILE A 324 2.52 2.30 16.76
CA ILE A 324 3.71 3.16 16.52
C ILE A 324 3.72 3.59 15.05
N TYR A 325 3.58 2.63 14.15
CA TYR A 325 3.60 2.86 12.67
C TYR A 325 2.61 3.98 12.32
N LEU A 326 1.40 3.94 12.89
CA LEU A 326 0.29 4.86 12.50
C LEU A 326 0.44 6.22 13.19
N SER A 327 1.21 6.33 14.28
CA SER A 327 1.31 7.56 15.10
C SER A 327 2.66 8.27 14.90
N ASP A 328 3.76 7.53 14.93
CA ASP A 328 5.15 8.08 14.94
C ASP A 328 5.67 8.13 13.49
N LYS A 329 5.80 9.33 12.92
CA LYS A 329 6.28 9.54 11.53
C LYS A 329 7.61 10.31 11.58
N SER A 330 8.36 10.19 12.68
CA SER A 330 9.69 10.82 12.90
C SER A 330 10.72 10.18 11.94
N ASP A 331 10.55 8.89 11.61
CA ASP A 331 11.35 8.21 10.58
C ASP A 331 10.52 7.11 9.93
N TYR A 332 10.88 6.72 8.71
CA TYR A 332 10.11 5.75 7.89
C TYR A 332 9.93 4.43 8.64
N ASP A 333 10.95 3.98 9.39
CA ASP A 333 10.91 2.67 10.09
C ASP A 333 10.78 2.86 11.61
N ALA A 334 10.22 3.99 12.06
CA ALA A 334 9.92 4.27 13.49
C ALA A 334 9.17 3.08 14.11
N GLY A 335 8.27 2.43 13.35
CA GLY A 335 7.44 1.30 13.80
C GLY A 335 8.27 0.12 14.27
N VAL A 336 9.44 -0.12 13.65
CA VAL A 336 10.27 -1.33 13.94
C VAL A 336 11.54 -0.97 14.72
N LYS A 337 11.87 0.32 14.87
CA LYS A 337 13.10 0.76 15.61
C LYS A 337 13.19 0.10 16.98
N PRO A 338 12.10 0.06 17.79
CA PRO A 338 12.16 -0.55 19.13
C PRO A 338 12.60 -2.02 19.15
N TYR A 339 12.45 -2.74 18.04
CA TYR A 339 12.64 -4.21 17.96
C TYR A 339 13.95 -4.57 17.26
N LYS A 340 14.75 -3.58 16.87
CA LYS A 340 16.06 -3.80 16.19
C LYS A 340 17.05 -4.40 17.19
N ILE A 341 17.81 -5.41 16.76
CA ILE A 341 18.87 -6.08 17.55
C ILE A 341 20.09 -6.34 16.66
N ASN A 342 21.22 -6.72 17.25
CA ASN A 342 22.48 -7.07 16.54
C ASN A 342 22.91 -5.87 15.69
#